data_8SAG
#
_entry.id   8SAG
#
_cell.length_a   42.465
_cell.length_b   41.631
_cell.length_c   72.556
_cell.angle_alpha   90.00
_cell.angle_beta   104.52
_cell.angle_gamma   90.00
#
_symmetry.space_group_name_H-M   'P 1 21 1'
#
loop_
_entity.id
_entity.type
_entity.pdbx_description
1 polymer 'Carbonic anhydrase 2'
2 non-polymer GLYCEROL
3 non-polymer 'ZINC ION'
4 non-polymer 2-[(2-oxo-2H-1-benzopyran-7-yl)oxy]-N-[(4-sulfamoylphenyl)methyl]acetamide
5 water water
#
_entity_poly.entity_id   1
_entity_poly.type   'polypeptide(L)'
_entity_poly.pdbx_seq_one_letter_code
;MSHHWGYGKHNGPEHWHKDFPIAKGERQSPVDIDTHTAKYDPSLKPLSVSYDQATSLRILNNGHAFNVEFDDSQDKAVLK
GGPLDGTYRLIQFHFHWGSLDGQGSEHTVDKKKYAAELHLVHWNTKYGDFGKAVQQPDGLAVLGIFLKVGSAKPGLQKVV
DVLDSIKTKGKSADFTNFDPRGLLPESLDYWTYPGSLTTPPLLECVTWIVLKEPISVSSEQVLKFRKLNFNGEGEPEELM
VDNWRPAQPLKNRQIKASFK
;
_entity_poly.pdbx_strand_id   A
#
loop_
_chem_comp.id
_chem_comp.type
_chem_comp.name
_chem_comp.formula
GOL non-polymer GLYCEROL 'C3 H8 O3'
ZN non-polymer 'ZINC ION' 'Zn 2'
ZUS non-polymer 2-[(2-oxo-2H-1-benzopyran-7-yl)oxy]-N-[(4-sulfamoylphenyl)methyl]acetamide 'C18 H16 N2 O6 S'
#
# COMPACT_ATOMS: atom_id res chain seq x y z
N HIS A 4 -13.74 17.42 3.49
CA HIS A 4 -12.94 16.31 3.99
C HIS A 4 -11.76 16.13 3.05
N TRP A 5 -10.82 15.33 3.49
CA TRP A 5 -9.56 15.22 2.78
C TRP A 5 -9.72 14.41 1.51
N GLY A 6 -8.85 14.68 0.54
CA GLY A 6 -8.78 13.90 -0.67
C GLY A 6 -7.50 14.15 -1.42
N TYR A 7 -7.57 14.18 -2.75
CA TYR A 7 -6.39 14.35 -3.59
C TYR A 7 -6.61 15.47 -4.61
N GLY A 8 -7.46 16.43 -4.28
CA GLY A 8 -7.70 17.56 -5.17
C GLY A 8 -6.85 18.77 -4.80
N LYS A 9 -6.98 19.82 -5.62
CA LYS A 9 -6.23 21.06 -5.38
C LYS A 9 -6.61 21.70 -4.05
N HIS A 10 -7.85 21.50 -3.63
CA HIS A 10 -8.33 22.20 -2.45
C HIS A 10 -8.33 21.33 -1.20
N ASN A 11 -8.14 20.01 -1.36
CA ASN A 11 -8.14 19.14 -0.21
C ASN A 11 -7.03 18.06 -0.23
N GLY A 12 -6.05 18.27 -1.07
CA GLY A 12 -5.00 17.28 -1.27
C GLY A 12 -3.94 17.28 -0.19
N PRO A 13 -2.87 16.49 -0.42
CA PRO A 13 -1.87 16.25 0.63
C PRO A 13 -1.27 17.49 1.28
N GLU A 14 -1.18 18.59 0.54
CA GLU A 14 -0.62 19.82 1.08
C GLU A 14 -1.50 20.43 2.17
N HIS A 15 -2.76 20.01 2.18
CA HIS A 15 -3.76 20.54 3.10
C HIS A 15 -3.97 19.68 4.34
N TRP A 16 -3.50 18.44 4.32
CA TRP A 16 -3.89 17.49 5.36
C TRP A 16 -3.45 17.90 6.76
N HIS A 17 -2.36 18.67 6.87
CA HIS A 17 -1.84 19.00 8.20
C HIS A 17 -2.83 19.81 9.03
N LYS A 18 -3.76 20.51 8.38
CA LYS A 18 -4.68 21.36 9.14
C LYS A 18 -5.61 20.53 10.01
N ASP A 19 -6.15 19.42 9.49
CA ASP A 19 -6.93 18.52 10.32
C ASP A 19 -6.09 17.43 11.00
N PHE A 20 -4.88 17.14 10.50
CA PHE A 20 -4.04 16.06 11.01
C PHE A 20 -2.62 16.58 11.19
N PRO A 21 -2.35 17.29 12.28
CA PRO A 21 -1.04 17.94 12.42
C PRO A 21 0.14 16.98 12.40
N ILE A 22 -0.10 15.70 12.62
CA ILE A 22 0.99 14.71 12.55
C ILE A 22 1.53 14.61 11.12
N ALA A 23 0.85 15.23 10.17
CA ALA A 23 1.35 15.24 8.80
C ALA A 23 2.76 15.83 8.69
N LYS A 24 3.14 16.71 9.63
CA LYS A 24 4.47 17.30 9.68
C LYS A 24 5.35 16.64 10.73
N GLY A 25 5.08 15.38 11.06
CA GLY A 25 5.76 14.70 12.15
C GLY A 25 7.11 14.13 11.76
N GLU A 26 7.66 13.34 12.69
CA GLU A 26 9.04 12.89 12.59
C GLU A 26 9.21 11.55 11.87
N ARG A 27 8.13 10.82 11.59
CA ARG A 27 8.28 9.53 10.87
C ARG A 27 7.10 9.34 9.90
N GLN A 28 6.97 10.31 8.98
CA GLN A 28 5.91 10.28 7.97
C GLN A 28 6.34 9.51 6.74
N SER A 29 5.35 8.95 6.04
CA SER A 29 5.50 8.17 4.84
C SER A 29 4.62 8.73 3.73
N PRO A 30 5.00 8.50 2.46
CA PRO A 30 6.15 7.73 1.98
C PRO A 30 7.42 8.56 2.01
N VAL A 31 8.54 7.96 1.60
CA VAL A 31 9.83 8.65 1.48
C VAL A 31 10.48 8.25 0.16
N ASP A 32 11.47 9.04 -0.24
CA ASP A 32 12.36 8.63 -1.32
C ASP A 32 13.40 7.67 -0.76
N ILE A 33 13.65 6.60 -1.51
CA ILE A 33 14.65 5.61 -1.16
C ILE A 33 15.87 5.85 -2.08
N ASP A 34 16.89 6.39 -1.41
CA ASP A 34 18.17 6.69 -2.00
C ASP A 34 18.94 5.41 -1.84
N THR A 35 19.13 4.74 -2.96
CA THR A 35 19.71 3.39 -2.99
C THR A 35 21.16 3.38 -2.60
N HIS A 36 21.88 4.48 -2.83
CA HIS A 36 23.28 4.49 -2.49
C HIS A 36 23.51 4.73 -1.00
N THR A 37 22.53 5.32 -0.30
CA THR A 37 22.65 5.66 1.11
C THR A 37 22.01 4.63 2.03
N ALA A 38 21.04 3.85 1.54
CA ALA A 38 20.52 2.74 2.33
C ALA A 38 21.61 1.71 2.57
N LYS A 39 21.77 1.30 3.82
CA LYS A 39 22.86 0.41 4.20
C LYS A 39 22.38 -1.03 4.29
N TYR A 40 23.13 -1.94 3.65
CA TYR A 40 22.92 -3.36 3.87
C TYR A 40 23.04 -3.67 5.37
N ASP A 41 22.04 -4.37 5.89
CA ASP A 41 22.03 -4.81 7.29
C ASP A 41 22.04 -6.33 7.32
N PRO A 42 23.19 -6.97 7.57
CA PRO A 42 23.23 -8.43 7.57
C PRO A 42 22.43 -9.08 8.69
N SER A 43 22.00 -8.31 9.69
CA SER A 43 21.17 -8.86 10.75
C SER A 43 19.71 -9.00 10.34
N LEU A 44 19.30 -8.42 9.21
CA LEU A 44 17.94 -8.61 8.74
C LEU A 44 17.74 -10.04 8.25
N LYS A 45 16.54 -10.54 8.49
CA LYS A 45 16.19 -11.87 8.04
C LYS A 45 15.39 -11.83 6.82
N PRO A 46 15.31 -12.98 6.16
CA PRO A 46 14.45 -13.02 5.02
C PRO A 46 13.00 -12.81 5.47
N LEU A 47 12.20 -12.23 4.60
CA LEU A 47 10.80 -12.05 4.86
C LEU A 47 10.09 -13.40 4.80
N SER A 48 9.11 -13.62 5.67
CA SER A 48 8.28 -14.81 5.64
C SER A 48 6.86 -14.36 5.29
N VAL A 49 6.43 -14.65 4.07
CA VAL A 49 5.09 -14.32 3.59
C VAL A 49 4.31 -15.63 3.51
N SER A 50 3.35 -15.81 4.41
CA SER A 50 2.59 -17.07 4.47
C SER A 50 1.15 -16.75 4.10
N TYR A 51 0.85 -16.82 2.80
CA TYR A 51 -0.47 -16.46 2.28
C TYR A 51 -1.26 -17.68 1.80
N ASP A 52 -0.78 -18.90 2.03
CA ASP A 52 -1.46 -20.06 1.45
C ASP A 52 -2.89 -20.21 1.96
N GLN A 53 -3.18 -19.75 3.18
CA GLN A 53 -4.52 -19.89 3.75
C GLN A 53 -5.30 -18.58 3.73
N ALA A 54 -4.86 -17.59 2.96
CA ALA A 54 -5.56 -16.31 2.90
C ALA A 54 -7.00 -16.50 2.47
N THR A 55 -7.89 -15.75 3.12
CA THR A 55 -9.33 -15.77 2.85
C THR A 55 -9.82 -14.37 2.52
N SER A 56 -9.89 -14.04 1.23
CA SER A 56 -10.47 -12.76 0.82
C SER A 56 -11.99 -12.80 0.92
N LEU A 57 -12.60 -11.63 1.18
CA LEU A 57 -14.04 -11.59 1.37
C LEU A 57 -14.76 -10.62 0.46
N ARG A 58 -14.18 -9.44 0.24
CA ARG A 58 -14.95 -8.35 -0.32
C ARG A 58 -13.99 -7.35 -0.94
N ILE A 59 -14.48 -6.60 -1.92
CA ILE A 59 -13.74 -5.47 -2.47
C ILE A 59 -14.62 -4.23 -2.37
N LEU A 60 -14.02 -3.12 -1.91
CA LEU A 60 -14.76 -1.91 -1.54
C LEU A 60 -14.11 -0.69 -2.19
N ASN A 61 -14.93 0.19 -2.79
CA ASN A 61 -14.44 1.50 -3.25
C ASN A 61 -14.77 2.43 -2.07
N ASN A 62 -13.76 2.96 -1.40
CA ASN A 62 -13.94 3.80 -0.22
C ASN A 62 -13.83 5.28 -0.51
N GLY A 63 -13.78 5.64 -1.79
CA GLY A 63 -13.68 7.03 -2.18
C GLY A 63 -12.25 7.54 -2.32
N HIS A 64 -11.24 6.79 -1.89
CA HIS A 64 -9.85 7.17 -2.11
C HIS A 64 -9.02 6.09 -2.77
N ALA A 65 -9.43 4.83 -2.69
CA ALA A 65 -8.82 3.70 -3.38
C ALA A 65 -9.86 2.60 -3.39
N PHE A 66 -9.47 1.40 -3.76
CA PHE A 66 -10.30 0.23 -3.48
C PHE A 66 -9.51 -0.74 -2.62
N ASN A 67 -10.19 -1.33 -1.63
CA ASN A 67 -9.58 -2.28 -0.71
C ASN A 67 -10.10 -3.68 -1.01
N VAL A 68 -9.19 -4.64 -1.14
CA VAL A 68 -9.56 -6.05 -1.08
C VAL A 68 -9.38 -6.50 0.37
N GLU A 69 -10.46 -6.94 0.99
CA GLU A 69 -10.53 -7.19 2.42
C GLU A 69 -10.42 -8.68 2.68
N PHE A 70 -9.76 -9.03 3.78
CA PHE A 70 -9.52 -10.42 4.18
C PHE A 70 -10.12 -10.73 5.53
N ASP A 71 -10.40 -12.01 5.75
CA ASP A 71 -10.80 -12.50 7.09
C ASP A 71 -9.58 -12.53 8.00
N ASP A 72 -9.51 -11.61 8.96
CA ASP A 72 -8.39 -11.54 9.89
C ASP A 72 -8.82 -11.90 11.32
N SER A 73 -9.88 -12.70 11.46
CA SER A 73 -10.32 -13.20 12.75
C SER A 73 -9.49 -14.37 13.26
N GLN A 74 -8.55 -14.82 12.45
CA GLN A 74 -7.68 -15.92 12.81
C GLN A 74 -6.34 -15.74 12.08
N ASP A 75 -5.30 -16.41 12.56
CA ASP A 75 -4.00 -16.36 11.88
C ASP A 75 -4.04 -17.19 10.61
N LYS A 76 -4.45 -16.58 9.49
CA LYS A 76 -4.54 -17.25 8.21
C LYS A 76 -3.42 -16.82 7.27
N ALA A 77 -3.42 -15.54 6.92
CA ALA A 77 -2.38 -14.97 6.07
C ALA A 77 -1.54 -14.08 6.97
N VAL A 78 -0.27 -14.41 7.14
CA VAL A 78 0.58 -13.67 8.07
C VAL A 78 1.91 -13.29 7.43
N LEU A 79 2.44 -12.18 7.91
CA LEU A 79 3.77 -11.70 7.57
C LEU A 79 4.61 -11.76 8.83
N LYS A 80 5.80 -12.32 8.71
CA LYS A 80 6.75 -12.43 9.82
C LYS A 80 8.17 -12.32 9.30
N GLY A 81 9.12 -12.33 10.20
CA GLY A 81 10.50 -12.28 9.77
C GLY A 81 10.88 -10.89 9.27
N GLY A 82 11.93 -10.84 8.46
CA GLY A 82 12.46 -9.58 8.02
C GLY A 82 12.89 -8.74 9.20
N PRO A 83 12.44 -7.48 9.25
CA PRO A 83 12.75 -6.63 10.40
C PRO A 83 11.79 -6.81 11.58
N LEU A 84 10.81 -7.69 11.45
CA LEU A 84 9.67 -7.75 12.36
C LEU A 84 9.92 -8.71 13.51
N ASP A 85 9.40 -8.32 14.66
CA ASP A 85 9.24 -9.22 15.81
C ASP A 85 7.78 -9.60 15.90
N GLY A 86 7.51 -10.89 15.96
CA GLY A 86 6.14 -11.34 16.11
C GLY A 86 5.45 -11.53 14.77
N THR A 87 4.13 -11.66 14.89
CA THR A 87 3.24 -12.09 13.82
C THR A 87 2.29 -10.96 13.44
N TYR A 88 2.20 -10.67 12.15
CA TYR A 88 1.33 -9.63 11.64
C TYR A 88 0.33 -10.24 10.67
N ARG A 89 -0.94 -9.95 10.87
CA ARG A 89 -2.05 -10.55 10.11
C ARG A 89 -2.48 -9.66 8.95
N LEU A 90 -2.60 -10.23 7.76
CA LEU A 90 -3.12 -9.48 6.61
C LEU A 90 -4.59 -9.11 6.83
N ILE A 91 -4.92 -7.83 6.68
CA ILE A 91 -6.29 -7.34 6.78
C ILE A 91 -6.83 -6.83 5.44
N GLN A 92 -5.99 -6.20 4.62
CA GLN A 92 -6.47 -5.69 3.34
C GLN A 92 -5.27 -5.36 2.46
N PHE A 93 -5.49 -5.28 1.15
CA PHE A 93 -4.56 -4.59 0.28
C PHE A 93 -5.29 -3.59 -0.60
N HIS A 94 -4.53 -2.61 -1.08
CA HIS A 94 -5.03 -1.59 -2.00
C HIS A 94 -3.85 -1.07 -2.81
N PHE A 95 -4.13 -0.16 -3.75
CA PHE A 95 -3.11 0.43 -4.60
C PHE A 95 -3.21 1.95 -4.56
N HIS A 96 -2.12 2.59 -4.96
CA HIS A 96 -2.09 3.99 -5.34
C HIS A 96 -1.58 4.08 -6.77
N TRP A 97 -2.18 4.94 -7.58
CA TRP A 97 -1.76 4.99 -8.99
C TRP A 97 -1.94 6.40 -9.54
N GLY A 98 -1.42 6.59 -10.75
CA GLY A 98 -1.36 7.90 -11.39
C GLY A 98 -2.35 8.05 -12.53
N SER A 99 -2.41 9.29 -13.04
CA SER A 99 -3.16 9.57 -14.26
C SER A 99 -2.40 9.16 -15.52
N LEU A 100 -1.08 8.99 -15.41
CA LEU A 100 -0.20 8.62 -16.51
C LEU A 100 0.84 7.65 -15.95
N ASP A 101 1.50 6.87 -16.81
CA ASP A 101 2.42 5.85 -16.31
C ASP A 101 3.63 6.45 -15.59
N GLY A 102 3.97 7.72 -15.83
CA GLY A 102 5.14 8.33 -15.22
C GLY A 102 4.99 8.76 -13.77
N GLN A 103 3.84 8.49 -13.15
CA GLN A 103 3.66 8.78 -11.74
C GLN A 103 2.59 7.86 -11.16
N GLY A 104 2.52 7.82 -9.84
CA GLY A 104 1.51 6.97 -9.22
C GLY A 104 2.00 6.33 -7.93
N SER A 105 3.28 5.98 -7.86
CA SER A 105 3.75 5.37 -6.62
C SER A 105 3.90 6.43 -5.55
N GLU A 106 3.90 5.96 -4.30
CA GLU A 106 4.10 6.81 -3.13
C GLU A 106 5.57 6.86 -2.76
N HIS A 107 6.17 5.71 -2.47
CA HIS A 107 7.62 5.66 -2.38
C HIS A 107 8.22 5.86 -3.75
N THR A 108 9.43 6.42 -3.76
CA THR A 108 10.22 6.59 -4.98
C THR A 108 11.60 5.98 -4.73
N VAL A 109 12.30 5.68 -5.83
CA VAL A 109 13.59 5.01 -5.76
C VAL A 109 14.56 5.89 -6.52
N ASP A 110 15.48 6.55 -5.80
CA ASP A 110 16.36 7.54 -6.40
C ASP A 110 15.56 8.54 -7.24
N LYS A 111 14.43 8.98 -6.66
CA LYS A 111 13.47 9.94 -7.21
C LYS A 111 12.66 9.36 -8.37
N LYS A 112 12.86 8.10 -8.75
CA LYS A 112 12.02 7.50 -9.79
C LYS A 112 10.64 7.18 -9.25
N LYS A 113 9.60 7.62 -9.97
CA LYS A 113 8.22 7.28 -9.67
C LYS A 113 7.77 6.11 -10.54
N TYR A 114 7.17 5.10 -9.92
CA TYR A 114 6.55 4.01 -10.66
C TYR A 114 5.09 4.32 -10.98
N ALA A 115 4.49 3.49 -11.85
CA ALA A 115 3.12 3.75 -12.30
C ALA A 115 2.09 3.53 -11.19
N ALA A 116 2.41 2.70 -10.21
CA ALA A 116 1.48 2.39 -9.14
C ALA A 116 2.26 1.72 -8.03
N GLU A 117 1.58 1.54 -6.90
CA GLU A 117 2.18 0.91 -5.74
C GLU A 117 1.10 0.14 -4.98
N LEU A 118 1.36 -1.14 -4.77
CA LEU A 118 0.50 -2.04 -4.00
C LEU A 118 0.93 -2.02 -2.54
N HIS A 119 -0.05 -1.88 -1.63
CA HIS A 119 0.20 -1.96 -0.19
C HIS A 119 -0.60 -3.12 0.40
N LEU A 120 0.11 -4.13 0.93
CA LEU A 120 -0.50 -5.22 1.68
C LEU A 120 -0.35 -4.92 3.16
N VAL A 121 -1.50 -4.70 3.82
CA VAL A 121 -1.54 -4.13 5.17
C VAL A 121 -1.73 -5.23 6.20
N HIS A 122 -0.84 -5.27 7.20
CA HIS A 122 -0.85 -6.28 8.25
C HIS A 122 -0.77 -5.63 9.62
N TRP A 123 -1.44 -6.23 10.62
CA TRP A 123 -1.40 -5.69 11.97
C TRP A 123 -0.86 -6.70 12.96
N ASN A 124 -0.13 -6.20 13.96
CA ASN A 124 0.54 -6.99 15.00
C ASN A 124 -0.45 -7.67 15.96
N THR A 125 -0.45 -9.00 15.95
CA THR A 125 -1.49 -9.70 16.69
C THR A 125 -1.33 -9.55 18.20
N LYS A 126 -0.18 -9.07 18.67
CA LYS A 126 -0.05 -8.89 20.11
C LYS A 126 -0.92 -7.75 20.63
N TYR A 127 -1.49 -6.93 19.75
CA TYR A 127 -2.40 -5.86 20.16
C TYR A 127 -3.87 -6.21 19.99
N GLY A 128 -4.20 -7.41 19.55
CA GLY A 128 -5.58 -7.89 19.62
C GLY A 128 -6.49 -7.53 18.46
N ASP A 129 -6.52 -6.24 18.08
CA ASP A 129 -7.32 -5.78 16.96
C ASP A 129 -6.66 -4.59 16.27
N PHE A 130 -7.06 -4.37 15.01
CA PHE A 130 -6.43 -3.36 14.17
C PHE A 130 -6.49 -1.98 14.80
N GLY A 131 -7.63 -1.62 15.38
CA GLY A 131 -7.79 -0.30 15.97
C GLY A 131 -6.84 -0.06 17.12
N LYS A 132 -6.51 -1.12 17.88
CA LYS A 132 -5.51 -0.94 18.92
C LYS A 132 -4.11 -0.91 18.34
N ALA A 133 -3.87 -1.70 17.29
CA ALA A 133 -2.54 -1.77 16.68
C ALA A 133 -2.09 -0.43 16.11
N VAL A 134 -3.02 0.32 15.49
CA VAL A 134 -2.60 1.59 14.88
C VAL A 134 -2.21 2.63 15.91
N GLN A 135 -2.46 2.36 17.19
CA GLN A 135 -2.04 3.27 18.25
C GLN A 135 -0.64 2.96 18.79
N GLN A 136 0.06 2.00 18.20
CA GLN A 136 1.35 1.54 18.68
C GLN A 136 2.43 1.76 17.63
N PRO A 137 3.66 2.09 18.05
CA PRO A 137 4.74 2.34 17.08
C PRO A 137 5.09 1.14 16.24
N ASP A 138 4.85 -0.07 16.73
CA ASP A 138 5.11 -1.29 15.99
C ASP A 138 3.81 -2.02 15.69
N GLY A 139 2.75 -1.26 15.42
CA GLY A 139 1.44 -1.86 15.28
C GLY A 139 1.16 -2.48 13.93
N LEU A 140 1.69 -1.88 12.85
CA LEU A 140 1.40 -2.34 11.49
C LEU A 140 2.69 -2.68 10.75
N ALA A 141 2.56 -3.57 9.77
CA ALA A 141 3.61 -3.80 8.79
C ALA A 141 2.94 -3.70 7.44
N VAL A 142 3.42 -2.79 6.58
CA VAL A 142 2.88 -2.68 5.24
C VAL A 142 3.96 -3.12 4.26
N LEU A 143 3.60 -4.10 3.43
CA LEU A 143 4.44 -4.59 2.34
C LEU A 143 4.11 -3.79 1.09
N GLY A 144 5.10 -3.01 0.60
CA GLY A 144 4.92 -2.17 -0.58
C GLY A 144 5.60 -2.78 -1.78
N ILE A 145 4.87 -2.80 -2.90
CA ILE A 145 5.34 -3.43 -4.14
C ILE A 145 5.06 -2.46 -5.28
N PHE A 146 6.10 -2.12 -6.03
CA PHE A 146 5.95 -1.20 -7.15
C PHE A 146 5.36 -1.91 -8.36
N LEU A 147 4.57 -1.17 -9.15
CA LEU A 147 4.06 -1.62 -10.44
C LEU A 147 4.64 -0.77 -11.57
N LYS A 148 5.14 -1.45 -12.59
CA LYS A 148 5.60 -0.80 -13.80
C LYS A 148 4.71 -1.32 -14.93
N VAL A 149 4.59 -0.55 -16.00
CA VAL A 149 3.73 -0.96 -17.10
C VAL A 149 4.52 -1.71 -18.18
N GLY A 150 4.10 -2.93 -18.51
CA GLY A 150 4.77 -3.73 -19.54
C GLY A 150 3.85 -4.91 -19.85
N SER A 151 4.32 -6.12 -19.52
CA SER A 151 3.53 -7.33 -19.67
C SER A 151 2.46 -7.39 -18.60
N ALA A 152 1.35 -8.04 -18.90
CA ALA A 152 0.25 -8.17 -17.96
C ALA A 152 0.61 -9.09 -16.81
N LYS A 153 -0.01 -8.84 -15.66
CA LYS A 153 0.15 -9.65 -14.47
C LYS A 153 -1.08 -10.52 -14.41
N PRO A 154 -0.94 -11.82 -14.70
CA PRO A 154 -2.15 -12.66 -14.75
C PRO A 154 -2.90 -12.69 -13.44
N GLY A 155 -2.19 -12.67 -12.31
CA GLY A 155 -2.80 -12.72 -10.99
C GLY A 155 -3.56 -11.47 -10.60
N LEU A 156 -3.41 -10.39 -11.35
CA LEU A 156 -4.16 -9.16 -11.11
C LEU A 156 -5.49 -9.10 -11.86
N GLN A 157 -5.68 -9.92 -12.90
CA GLN A 157 -6.82 -9.72 -13.78
C GLN A 157 -8.16 -9.91 -13.06
N LYS A 158 -8.24 -10.78 -12.05
CA LYS A 158 -9.52 -10.92 -11.35
C LYS A 158 -9.88 -9.66 -10.58
N VAL A 159 -8.88 -8.92 -10.08
CA VAL A 159 -9.16 -7.60 -9.49
C VAL A 159 -9.65 -6.64 -10.57
N VAL A 160 -8.94 -6.56 -11.68
CA VAL A 160 -9.28 -5.60 -12.74
C VAL A 160 -10.71 -5.83 -13.23
N ASP A 161 -11.13 -7.09 -13.36
CA ASP A 161 -12.44 -7.35 -13.97
C ASP A 161 -13.61 -7.12 -13.05
N VAL A 162 -13.38 -6.96 -11.74
CA VAL A 162 -14.48 -6.64 -10.83
C VAL A 162 -14.67 -5.14 -10.63
N LEU A 163 -13.73 -4.32 -11.11
CA LEU A 163 -13.79 -2.88 -10.80
C LEU A 163 -15.02 -2.20 -11.39
N ASP A 164 -15.52 -2.70 -12.53
CA ASP A 164 -16.75 -2.15 -13.13
C ASP A 164 -17.92 -2.20 -12.16
N SER A 165 -17.91 -3.13 -11.21
CA SER A 165 -19.01 -3.30 -10.28
C SER A 165 -18.87 -2.46 -9.04
N ILE A 166 -17.73 -1.75 -8.87
CA ILE A 166 -17.54 -0.88 -7.69
C ILE A 166 -17.02 0.47 -8.18
N LYS A 167 -17.65 1.00 -9.20
CA LYS A 167 -17.13 2.19 -9.79
C LYS A 167 -17.08 3.40 -8.91
N THR A 168 -18.06 3.53 -8.02
CA THR A 168 -18.22 4.75 -7.27
C THR A 168 -18.08 4.50 -5.77
N LYS A 169 -17.81 5.59 -5.06
CA LYS A 169 -17.58 5.55 -3.61
C LYS A 169 -18.74 4.88 -2.88
N GLY A 170 -18.40 3.98 -1.96
CA GLY A 170 -19.38 3.27 -1.17
C GLY A 170 -19.87 1.96 -1.75
N LYS A 171 -19.53 1.65 -2.99
CA LYS A 171 -19.92 0.38 -3.59
C LYS A 171 -18.95 -0.73 -3.17
N SER A 172 -19.50 -1.91 -2.95
CA SER A 172 -18.71 -3.09 -2.63
C SER A 172 -19.23 -4.28 -3.42
N ALA A 173 -18.40 -5.31 -3.50
CA ALA A 173 -18.75 -6.53 -4.22
C ALA A 173 -18.09 -7.72 -3.55
N ASP A 174 -18.78 -8.85 -3.56
CA ASP A 174 -18.17 -10.06 -3.00
C ASP A 174 -16.89 -10.36 -3.78
N PHE A 175 -15.86 -10.81 -3.03
CA PHE A 175 -14.57 -11.05 -3.67
C PHE A 175 -13.86 -12.16 -2.90
N THR A 176 -14.39 -13.37 -3.01
CA THR A 176 -13.84 -14.50 -2.28
C THR A 176 -12.84 -15.27 -3.13
N ASN A 177 -12.01 -16.02 -2.46
CA ASN A 177 -11.07 -16.92 -3.07
C ASN A 177 -10.01 -16.28 -3.94
N PHE A 178 -9.66 -15.04 -3.64
CA PHE A 178 -8.58 -14.37 -4.36
C PHE A 178 -7.26 -14.66 -3.66
N ASP A 179 -6.23 -15.05 -4.46
CA ASP A 179 -4.95 -15.47 -3.92
C ASP A 179 -3.93 -14.37 -4.06
N PRO A 180 -3.53 -13.68 -2.98
CA PRO A 180 -2.59 -12.56 -3.12
C PRO A 180 -1.18 -12.99 -3.47
N ARG A 181 -0.87 -14.28 -3.40
CA ARG A 181 0.45 -14.72 -3.86
C ARG A 181 0.66 -14.40 -5.33
N GLY A 182 -0.41 -14.27 -6.12
CA GLY A 182 -0.28 -13.91 -7.52
C GLY A 182 0.14 -12.48 -7.78
N LEU A 183 0.29 -11.66 -6.74
CA LEU A 183 0.70 -10.26 -6.88
C LEU A 183 2.16 -10.02 -6.48
N LEU A 184 2.89 -11.09 -6.05
CA LEU A 184 4.26 -10.95 -5.58
C LEU A 184 5.27 -11.08 -6.72
N PRO A 185 6.36 -10.36 -6.65
CA PRO A 185 7.46 -10.57 -7.61
C PRO A 185 8.25 -11.81 -7.21
N GLU A 186 9.23 -12.13 -8.05
CA GLU A 186 10.06 -13.31 -7.82
C GLU A 186 10.91 -13.14 -6.56
N SER A 187 11.57 -12.01 -6.42
CA SER A 187 12.48 -11.75 -5.30
C SER A 187 11.80 -11.03 -4.16
N LEU A 188 12.15 -11.40 -2.92
CA LEU A 188 11.67 -10.71 -1.73
C LEU A 188 12.74 -9.83 -1.09
N ASP A 189 13.76 -9.42 -1.85
CA ASP A 189 14.70 -8.43 -1.35
C ASP A 189 13.95 -7.12 -1.07
N TYR A 190 14.34 -6.43 0.00
CA TYR A 190 13.53 -5.30 0.43
C TYR A 190 14.36 -4.21 1.08
N TRP A 191 13.77 -3.01 1.14
CA TRP A 191 14.20 -1.95 2.04
C TRP A 191 13.21 -1.82 3.18
N THR A 192 13.68 -1.35 4.34
CA THR A 192 12.77 -1.18 5.47
C THR A 192 13.12 0.07 6.27
N TYR A 193 12.09 0.74 6.80
CA TYR A 193 12.27 1.92 7.64
C TYR A 193 11.00 2.12 8.46
N PRO A 194 11.08 2.87 9.56
CA PRO A 194 9.89 3.15 10.38
C PRO A 194 9.14 4.36 9.83
N GLY A 195 7.83 4.22 9.64
CA GLY A 195 7.04 5.29 9.05
C GLY A 195 5.61 5.36 9.53
N SER A 196 4.72 5.76 8.63
CA SER A 196 3.34 6.11 8.97
C SER A 196 2.36 5.55 7.94
N LEU A 197 1.07 5.63 8.28
CA LEU A 197 0.03 5.56 7.26
C LEU A 197 0.23 6.71 6.28
N THR A 198 -0.03 6.44 4.99
CA THR A 198 0.11 7.51 4.00
C THR A 198 -1.19 8.24 3.71
N THR A 199 -2.30 7.90 4.37
CA THR A 199 -3.52 8.69 4.30
C THR A 199 -3.92 9.06 5.71
N PRO A 200 -4.72 10.11 5.88
CA PRO A 200 -5.26 10.43 7.21
C PRO A 200 -5.89 9.21 7.85
N PRO A 201 -5.67 8.98 9.15
CA PRO A 201 -5.05 9.91 10.14
C PRO A 201 -3.51 9.96 10.21
N LEU A 202 -2.78 9.34 9.27
CA LEU A 202 -1.32 9.51 9.15
C LEU A 202 -0.58 9.02 10.40
N LEU A 203 -1.13 8.02 11.09
CA LEU A 203 -0.58 7.57 12.35
C LEU A 203 0.80 6.93 12.17
N GLU A 204 1.69 7.18 13.14
CA GLU A 204 3.10 6.75 13.01
C GLU A 204 3.28 5.38 13.64
N CYS A 205 2.69 4.41 12.98
CA CYS A 205 2.58 3.04 13.50
C CYS A 205 3.06 1.92 12.55
N VAL A 206 3.78 2.28 11.50
CA VAL A 206 4.04 1.34 10.41
C VAL A 206 5.53 1.00 10.33
N THR A 207 5.86 -0.28 10.31
CA THR A 207 7.14 -0.73 9.79
C THR A 207 6.95 -0.96 8.30
N TRP A 208 7.64 -0.16 7.49
CA TRP A 208 7.52 -0.25 6.04
C TRP A 208 8.50 -1.28 5.50
N ILE A 209 8.03 -2.14 4.62
CA ILE A 209 8.87 -3.13 3.96
C ILE A 209 8.57 -2.97 2.46
N VAL A 210 9.52 -2.40 1.71
CA VAL A 210 9.31 -2.08 0.29
C VAL A 210 10.18 -3.00 -0.55
N LEU A 211 9.56 -3.79 -1.43
CA LEU A 211 10.31 -4.74 -2.25
C LEU A 211 11.07 -4.02 -3.35
N LYS A 212 12.29 -4.49 -3.61
CA LYS A 212 13.10 -3.88 -4.65
C LYS A 212 12.59 -4.21 -6.05
N GLU A 213 12.13 -5.44 -6.26
CA GLU A 213 11.67 -5.83 -7.58
C GLU A 213 10.23 -5.45 -7.83
N PRO A 214 9.98 -4.68 -8.90
CA PRO A 214 8.61 -4.33 -9.19
C PRO A 214 7.89 -5.49 -9.94
N ILE A 215 6.58 -5.42 -9.93
CA ILE A 215 5.80 -6.33 -10.75
C ILE A 215 5.36 -5.56 -12.01
N SER A 216 5.24 -6.30 -13.08
CA SER A 216 4.73 -5.72 -14.31
C SER A 216 3.25 -5.95 -14.54
N VAL A 217 2.55 -4.86 -14.86
CA VAL A 217 1.17 -4.92 -15.24
C VAL A 217 1.00 -4.34 -16.64
N SER A 218 -0.10 -4.69 -17.31
CA SER A 218 -0.24 -4.17 -18.66
C SER A 218 -0.88 -2.79 -18.65
N SER A 219 -0.69 -2.08 -19.76
CA SER A 219 -1.34 -0.79 -19.91
C SER A 219 -2.85 -0.90 -19.79
N GLU A 220 -3.45 -1.98 -20.34
CA GLU A 220 -4.90 -2.15 -20.23
C GLU A 220 -5.32 -2.36 -18.78
N GLN A 221 -4.51 -3.07 -18.00
CA GLN A 221 -4.85 -3.30 -16.59
C GLN A 221 -4.87 -1.99 -15.81
N VAL A 222 -3.82 -1.19 -15.94
CA VAL A 222 -3.82 0.07 -15.17
C VAL A 222 -4.85 1.05 -15.73
N LEU A 223 -5.15 1.00 -17.04
CA LEU A 223 -6.18 1.89 -17.56
C LEU A 223 -7.52 1.64 -16.90
N LYS A 224 -7.80 0.41 -16.51
CA LYS A 224 -9.02 0.06 -15.81
C LYS A 224 -9.03 0.63 -14.38
N PHE A 225 -7.89 0.66 -13.68
CA PHE A 225 -7.82 1.41 -12.42
C PHE A 225 -8.33 2.83 -12.61
N ARG A 226 -7.91 3.48 -13.68
CA ARG A 226 -8.15 4.90 -13.89
C ARG A 226 -9.58 5.20 -14.32
N LYS A 227 -10.40 4.17 -14.47
CA LYS A 227 -11.80 4.37 -14.76
C LYS A 227 -12.69 4.42 -13.54
N LEU A 228 -12.11 4.09 -12.38
CA LEU A 228 -12.84 4.22 -11.14
C LEU A 228 -13.15 5.69 -10.85
N ASN A 229 -14.08 5.88 -9.93
CA ASN A 229 -14.48 7.22 -9.52
C ASN A 229 -14.27 7.50 -8.00
N PHE A 230 -13.81 8.73 -7.68
CA PHE A 230 -13.73 9.20 -6.33
C PHE A 230 -15.16 9.55 -5.79
N ASN A 231 -16.02 9.98 -6.68
CA ASN A 231 -17.36 10.36 -6.29
C ASN A 231 -18.31 9.21 -6.08
N GLY A 232 -19.42 9.51 -5.43
CA GLY A 232 -20.48 8.53 -5.30
C GLY A 232 -21.39 8.51 -6.52
N GLU A 233 -22.25 7.49 -6.56
CA GLU A 233 -23.22 7.32 -7.63
C GLU A 233 -24.08 8.56 -7.81
N GLY A 234 -24.31 8.93 -9.07
CA GLY A 234 -25.15 10.06 -9.39
C GLY A 234 -24.48 11.42 -9.34
N GLU A 235 -23.27 11.53 -8.75
CA GLU A 235 -22.56 12.78 -8.58
C GLU A 235 -21.67 13.07 -9.78
N PRO A 236 -21.20 14.31 -9.95
CA PRO A 236 -20.31 14.60 -11.08
C PRO A 236 -19.07 13.71 -11.05
N GLU A 237 -18.70 13.20 -12.23
CA GLU A 237 -17.67 12.17 -12.32
C GLU A 237 -16.31 12.79 -12.09
N GLU A 238 -15.57 12.25 -11.13
CA GLU A 238 -14.20 12.64 -10.84
C GLU A 238 -13.40 11.34 -10.91
N LEU A 239 -12.57 11.20 -11.93
CA LEU A 239 -11.83 9.96 -12.09
C LEU A 239 -10.89 9.73 -10.92
N MET A 240 -10.83 8.49 -10.45
CA MET A 240 -9.93 8.09 -9.36
C MET A 240 -8.55 7.90 -9.95
N VAL A 241 -7.76 8.97 -9.95
CA VAL A 241 -6.39 8.96 -10.43
C VAL A 241 -5.56 9.85 -9.51
N ASP A 242 -4.29 9.58 -9.46
CA ASP A 242 -3.36 10.37 -8.66
C ASP A 242 -3.74 10.41 -7.17
N ASN A 243 -4.05 9.23 -6.66
CA ASN A 243 -4.36 9.06 -5.26
C ASN A 243 -3.12 8.62 -4.45
N TRP A 244 -2.05 9.39 -4.67
CA TRP A 244 -0.79 9.14 -4.00
C TRP A 244 -0.33 10.37 -3.24
N ARG A 245 0.30 10.13 -2.08
CA ARG A 245 0.96 11.17 -1.31
C ARG A 245 2.42 11.28 -1.75
N PRO A 246 2.95 12.48 -1.95
CA PRO A 246 4.37 12.57 -2.35
C PRO A 246 5.31 12.27 -1.19
N ALA A 247 6.57 12.07 -1.55
CA ALA A 247 7.60 11.74 -0.57
C ALA A 247 7.73 12.84 0.49
N GLN A 248 7.93 12.39 1.74
CA GLN A 248 8.04 13.23 2.92
C GLN A 248 9.47 13.24 3.46
N PRO A 249 9.82 14.25 4.27
CA PRO A 249 11.21 14.34 4.78
C PRO A 249 11.62 13.11 5.59
N LEU A 250 12.83 12.62 5.31
CA LEU A 250 13.31 11.44 6.01
C LEU A 250 13.65 11.75 7.47
N LYS A 251 14.15 12.95 7.74
CA LYS A 251 14.44 13.39 9.11
C LYS A 251 15.44 12.42 9.75
N ASN A 252 15.22 12.01 10.96
CA ASN A 252 16.17 11.18 11.69
C ASN A 252 15.93 9.71 11.56
N ARG A 253 15.96 9.22 10.32
CA ARG A 253 15.67 7.82 10.02
C ARG A 253 16.67 7.26 9.04
N GLN A 254 16.96 5.97 9.19
CA GLN A 254 17.81 5.25 8.27
C GLN A 254 17.01 4.18 7.56
N ILE A 255 17.18 4.10 6.25
CA ILE A 255 16.60 3.04 5.46
C ILE A 255 17.63 1.91 5.36
N LYS A 256 17.20 0.69 5.70
CA LYS A 256 18.07 -0.47 5.72
C LYS A 256 17.71 -1.39 4.57
N ALA A 257 18.73 -1.98 3.94
CA ALA A 257 18.54 -2.92 2.84
C ALA A 257 18.79 -4.34 3.30
N SER A 258 17.94 -5.27 2.83
CA SER A 258 18.09 -6.70 3.14
C SER A 258 19.13 -7.38 2.27
N PHE A 259 19.68 -6.69 1.28
CA PHE A 259 20.47 -7.29 0.22
C PHE A 259 21.71 -6.45 -0.02
N LYS A 260 22.72 -7.09 -0.61
CA LYS A 260 23.94 -6.39 -1.02
C LYS A 260 23.87 -6.07 -2.51
C1 GOL B . -1.01 14.08 -4.92
O1 GOL B . 0.36 13.94 -4.99
C2 GOL B . -1.47 13.71 -6.29
O2 GOL B . -2.91 13.98 -6.36
C3 GOL B . -0.75 14.66 -7.25
O3 GOL B . -0.92 14.33 -8.60
H11 GOL B . -1.28 15.12 -4.69
H12 GOL B . -1.44 13.42 -4.17
HO1 GOL B . 0.79 14.68 -4.54
H2 GOL B . -1.23 12.65 -6.52
HO2 GOL B . -3.22 13.84 -7.27
H31 GOL B . 0.32 14.64 -7.02
H32 GOL B . -1.10 15.67 -7.07
HO3 GOL B . -0.47 14.99 -9.15
ZN ZN C . -1.53 2.71 0.78
C10 ZUS D . -4.20 1.28 6.34
N12 ZUS D . -7.15 3.37 7.71
C13 ZUS D . -7.40 4.19 8.85
C17 ZUS D . -10.04 6.75 10.19
C20 ZUS D . -10.84 8.94 9.37
C21 ZUS D . -11.90 8.99 10.37
C22 ZUS D . -12.02 7.92 11.27
C24 ZUS D . -13.83 10.20 11.50
C05 ZUS D . -2.67 2.69 4.94
C06 ZUS D . -3.07 1.44 5.49
C07 ZUS D . -3.49 3.78 5.34
C08 ZUS D . -4.61 3.64 6.20
C09 ZUS D . -4.98 2.38 6.72
C11 ZUS D . -6.22 2.20 7.68
C14 ZUS D . -8.40 5.42 8.84
C18 ZUS D . -11.06 6.79 11.16
C19 ZUS D . -9.92 7.85 9.26
C23 ZUS D . -12.87 10.15 10.48
C25 ZUS D . -13.82 9.12 12.49
N01 ZUS D . -1.66 3.82 2.51
O03 ZUS D . -0.12 3.49 4.51
O04 ZUS D . -0.79 1.58 3.35
O15 ZUS D . -9.12 5.67 10.08
O16 ZUS D . -6.81 3.93 9.91
O26 ZUS D . -13.04 7.97 12.24
O27 ZUS D . -14.48 9.15 13.54
S02 ZUS D . -1.19 2.87 3.81
H101 ZUS D . -4.41 0.43 6.66
H121 ZUS D . -7.55 3.53 6.97
H201 ZUS D . -10.74 9.65 8.76
H241 ZUS D . -14.53 10.80 11.52
H061 ZUS D . -2.59 0.68 5.26
H071 ZUS D . -3.28 4.63 5.02
H081 ZUS D . -5.11 4.39 6.42
H112 ZUS D . -6.70 1.39 7.43
H111 ZUS D . -5.94 2.01 8.58
H142 ZUS D . -7.89 6.22 8.64
H141 ZUS D . -9.03 5.27 8.13
H181 ZUS D . -11.12 6.06 11.75
H191 ZUS D . -9.26 7.86 8.61
H231 ZUS D . -12.91 10.81 9.83
H012 ZUS D . -2.39 4.24 2.37
H011 ZUS D . -1.20 4.06 1.82
#